data_9DEX
#
_entry.id   9DEX
#
_cell.length_a   67.315
_cell.length_b   78.799
_cell.length_c   83.071
_cell.angle_alpha   90.00
_cell.angle_beta   90.00
_cell.angle_gamma   90.00
#
_symmetry.space_group_name_H-M   'P 21 21 21'
#
loop_
_entity.id
_entity.type
_entity.pdbx_description
1 polymer Peroxiredoxin-1
2 non-polymer 1,2-ETHANEDIOL
3 non-polymer 'SULFATE ION'
4 non-polymer DI(HYDROXYETHYL)ETHER
5 non-polymer 'methyl N-(2-{[(2M)-2-(pyridin-3-yl)-1,3-thiazole-4-carbonyl]amino}prop-2-enoyl)-D-alaninate'
6 water water
#
_entity_poly.entity_id   1
_entity_poly.type   'polypeptide(L)'
_entity_poly.pdbx_seq_one_letter_code
;SSGNAKIGHPAPNFKATAVMPDGQFKDISLSDYKGKYVVFFFYPLDFTFVCPTEIIAFSDRAEEFKKLNSQVIGASVDSH
FSHLAWVNTPKKQGGLGPMNIPLVSDPKRTIAQDYGVLKADEGISFRGLFIIDDKGILRQITVNDLPVGRSVDETLRLVQ
AFQFTDKHGEVSPAGWKPGSDTIKPDVQKSKEYFSKQK
;
_entity_poly.pdbx_strand_id   A,B
#
# COMPACT_ATOMS: atom_id res chain seq x y z
N GLY A 3 10.14 9.70 -5.57
CA GLY A 3 9.96 9.55 -7.03
C GLY A 3 8.85 10.47 -7.56
N ASN A 4 8.19 10.07 -8.66
CA ASN A 4 7.16 10.87 -9.33
C ASN A 4 5.77 10.21 -9.34
N ALA A 5 5.59 9.11 -8.60
CA ALA A 5 4.29 8.44 -8.53
C ALA A 5 3.37 9.20 -7.57
N LYS A 6 2.30 9.84 -8.09
CA LYS A 6 1.37 10.59 -7.26
C LYS A 6 -0.07 10.16 -7.58
N ILE A 7 -0.85 9.84 -6.54
CA ILE A 7 -2.25 9.47 -6.69
C ILE A 7 -2.97 10.60 -7.41
N GLY A 8 -3.73 10.22 -8.45
CA GLY A 8 -4.57 11.14 -9.21
C GLY A 8 -3.82 11.81 -10.37
N HIS A 9 -2.54 11.48 -10.52
CA HIS A 9 -1.72 12.02 -11.59
C HIS A 9 -1.32 10.87 -12.49
N PRO A 10 -0.97 11.15 -13.78
CA PRO A 10 -0.50 10.12 -14.70
C PRO A 10 0.61 9.31 -14.06
N ALA A 11 0.52 7.97 -14.15
CA ALA A 11 1.59 7.14 -13.63
C ALA A 11 2.84 7.36 -14.47
N PRO A 12 4.05 7.40 -13.88
CA PRO A 12 5.28 7.48 -14.67
C PRO A 12 5.39 6.40 -15.74
N ASN A 13 5.57 6.83 -17.00
CA ASN A 13 5.72 5.88 -18.09
C ASN A 13 7.12 5.27 -17.99
N PHE A 14 7.28 4.13 -18.65
CA PHE A 14 8.56 3.47 -18.81
C PHE A 14 8.54 2.76 -20.14
N LYS A 15 9.73 2.60 -20.70
CA LYS A 15 9.94 1.69 -21.80
C LYS A 15 11.07 0.76 -21.36
N ALA A 16 10.86 -0.55 -21.48
CA ALA A 16 11.83 -1.50 -20.96
C ALA A 16 11.74 -2.84 -21.69
N THR A 17 12.84 -3.59 -21.66
CA THR A 17 12.83 -4.96 -22.15
C THR A 17 12.17 -5.83 -21.09
N ALA A 18 11.20 -6.64 -21.55
CA ALA A 18 10.51 -7.62 -20.71
C ALA A 18 10.73 -9.01 -21.27
N VAL A 19 10.62 -10.01 -20.40
CA VAL A 19 10.40 -11.37 -20.90
C VAL A 19 8.90 -11.61 -20.88
N MET A 20 8.35 -11.90 -22.06
CA MET A 20 6.93 -12.07 -22.27
C MET A 20 6.52 -13.51 -21.93
N PRO A 21 5.21 -13.80 -21.71
CA PRO A 21 4.72 -15.17 -21.48
C PRO A 21 5.19 -16.28 -22.42
N ASP A 22 5.41 -15.95 -23.71
CA ASP A 22 5.87 -16.93 -24.68
C ASP A 22 7.37 -17.21 -24.55
N GLY A 23 8.08 -16.47 -23.69
CA GLY A 23 9.49 -16.72 -23.38
C GLY A 23 10.45 -15.88 -24.22
N GLN A 24 9.91 -14.91 -24.97
CA GLN A 24 10.70 -14.05 -25.83
C GLN A 24 10.80 -12.66 -25.23
N PHE A 25 11.85 -11.95 -25.64
CA PHE A 25 12.06 -10.58 -25.20
C PHE A 25 11.27 -9.65 -26.11
N LYS A 26 10.82 -8.57 -25.48
CA LYS A 26 10.09 -7.54 -26.17
C LYS A 26 10.24 -6.27 -25.36
N ASP A 27 10.42 -5.16 -26.08
CA ASP A 27 10.41 -3.85 -25.46
C ASP A 27 8.96 -3.38 -25.33
N ILE A 28 8.53 -3.07 -24.09
CA ILE A 28 7.15 -2.68 -23.83
C ILE A 28 7.13 -1.36 -23.07
N SER A 29 6.03 -0.61 -23.20
CA SER A 29 5.81 0.59 -22.39
C SER A 29 4.53 0.42 -21.59
N LEU A 30 4.45 1.12 -20.47
CA LEU A 30 3.24 1.09 -19.64
C LEU A 30 2.08 1.69 -20.43
N SER A 31 2.36 2.74 -21.22
CA SER A 31 1.37 3.40 -22.06
C SER A 31 0.83 2.48 -23.14
N ASP A 32 1.53 1.38 -23.45
CA ASP A 32 0.94 0.39 -24.37
C ASP A 32 -0.39 -0.15 -23.81
N TYR A 33 -0.57 -0.11 -22.48
CA TYR A 33 -1.70 -0.79 -21.84
C TYR A 33 -2.87 0.17 -21.57
N LYS A 34 -2.81 1.43 -22.07
CA LYS A 34 -3.94 2.35 -21.96
C LYS A 34 -5.20 1.67 -22.48
N GLY A 35 -6.32 1.86 -21.78
CA GLY A 35 -7.56 1.15 -22.08
C GLY A 35 -7.81 -0.01 -21.12
N LYS A 36 -6.78 -0.39 -20.34
CA LYS A 36 -6.89 -1.39 -19.29
C LYS A 36 -6.33 -0.89 -17.96
N TYR A 37 -6.93 -1.36 -16.87
CA TYR A 37 -6.29 -1.37 -15.56
C TYR A 37 -4.97 -2.15 -15.64
N VAL A 38 -3.94 -1.58 -14.99
CA VAL A 38 -2.65 -2.25 -14.86
C VAL A 38 -2.31 -2.36 -13.38
N VAL A 39 -1.91 -3.58 -12.98
CA VAL A 39 -1.19 -3.83 -11.74
C VAL A 39 0.29 -3.96 -12.09
N PHE A 40 1.08 -3.01 -11.61
CA PHE A 40 2.51 -3.00 -11.84
C PHE A 40 3.21 -3.18 -10.50
N PHE A 41 3.97 -4.26 -10.38
CA PHE A 41 4.62 -4.57 -9.13
C PHE A 41 6.12 -4.82 -9.34
N PHE A 42 6.87 -4.47 -8.31
CA PHE A 42 8.30 -4.69 -8.22
C PHE A 42 8.55 -5.82 -7.23
N TYR A 43 9.57 -6.64 -7.50
CA TYR A 43 10.13 -7.57 -6.53
C TYR A 43 11.64 -7.36 -6.50
N PRO A 44 12.33 -7.65 -5.39
CA PRO A 44 13.74 -7.21 -5.25
C PRO A 44 14.74 -7.81 -6.25
N LEU A 45 14.84 -9.16 -6.28
CA LEU A 45 15.85 -9.89 -7.06
C LEU A 45 15.27 -11.21 -7.58
N ASP A 46 15.78 -11.61 -8.75
CA ASP A 46 15.54 -12.94 -9.30
C ASP A 46 16.24 -13.95 -8.40
N PHE A 47 15.68 -15.16 -8.33
CA PHE A 47 16.27 -16.28 -7.59
C PHE A 47 16.27 -15.98 -6.09
N THR A 48 15.32 -15.17 -5.62
CA THR A 48 15.23 -14.81 -4.20
C THR A 48 14.54 -15.97 -3.47
N PHE A 49 14.96 -16.20 -2.22
CA PHE A 49 14.32 -17.19 -1.36
C PHE A 49 13.22 -16.50 -0.54
N VAL A 50 13.10 -15.17 -0.64
CA VAL A 50 12.14 -14.38 0.12
C VAL A 50 10.90 -14.07 -0.74
N CYS A 51 9.80 -14.77 -0.41
CA CYS A 51 8.48 -14.72 -1.03
CA CYS A 51 8.49 -14.64 -1.01
C CYS A 51 8.51 -14.67 -2.55
N PRO A 52 9.24 -15.58 -3.23
CA PRO A 52 9.13 -15.70 -4.69
C PRO A 52 7.77 -16.18 -5.15
N THR A 53 7.02 -16.83 -4.24
CA THR A 53 5.75 -17.46 -4.57
C THR A 53 4.68 -16.44 -4.99
N GLU A 54 4.81 -15.18 -4.55
CA GLU A 54 3.86 -14.14 -4.94
C GLU A 54 3.89 -13.96 -6.45
N ILE A 55 5.06 -14.10 -7.09
CA ILE A 55 5.15 -13.94 -8.53
C ILE A 55 4.36 -15.06 -9.21
N ILE A 56 4.59 -16.30 -8.72
CA ILE A 56 3.92 -17.49 -9.23
C ILE A 56 2.39 -17.35 -9.03
N ALA A 57 1.97 -16.83 -7.87
CA ALA A 57 0.56 -16.63 -7.56
C ALA A 57 -0.09 -15.62 -8.52
N PHE A 58 0.55 -14.48 -8.78
CA PHE A 58 0.00 -13.54 -9.74
C PHE A 58 -0.16 -14.21 -11.10
N SER A 59 0.87 -14.97 -11.51
CA SER A 59 0.86 -15.68 -12.78
C SER A 59 -0.25 -16.72 -12.81
N ASP A 60 -0.32 -17.58 -11.78
CA ASP A 60 -1.29 -18.66 -11.76
C ASP A 60 -2.73 -18.11 -11.82
N ARG A 61 -2.95 -16.91 -11.27
CA ARG A 61 -4.29 -16.37 -11.16
C ARG A 61 -4.53 -15.24 -12.17
N ALA A 62 -3.79 -15.27 -13.27
CA ALA A 62 -3.92 -14.29 -14.35
C ALA A 62 -5.36 -14.21 -14.87
N GLU A 63 -6.04 -15.36 -14.97
CA GLU A 63 -7.41 -15.41 -15.46
C GLU A 63 -8.33 -14.45 -14.69
N GLU A 64 -8.15 -14.36 -13.35
CA GLU A 64 -8.98 -13.48 -12.54
C GLU A 64 -8.74 -12.01 -12.87
N PHE A 65 -7.51 -11.66 -13.26
CA PHE A 65 -7.19 -10.31 -13.73
C PHE A 65 -7.75 -10.05 -15.13
N LYS A 66 -7.76 -11.07 -16.01
CA LYS A 66 -8.38 -10.99 -17.33
C LYS A 66 -9.87 -10.67 -17.24
N LYS A 67 -10.61 -11.37 -16.37
CA LYS A 67 -12.01 -11.10 -16.12
C LYS A 67 -12.24 -9.66 -15.69
N LEU A 68 -11.22 -8.97 -15.13
CA LEU A 68 -11.34 -7.56 -14.79
C LEU A 68 -10.79 -6.68 -15.90
N ASN A 69 -10.53 -7.25 -17.10
CA ASN A 69 -9.91 -6.50 -18.18
C ASN A 69 -8.68 -5.75 -17.67
N SER A 70 -7.85 -6.42 -16.86
CA SER A 70 -6.66 -5.81 -16.28
C SER A 70 -5.41 -6.61 -16.67
N GLN A 71 -4.27 -5.89 -16.69
CA GLN A 71 -2.97 -6.45 -17.02
C GLN A 71 -2.06 -6.40 -15.79
N VAL A 72 -1.35 -7.52 -15.53
CA VAL A 72 -0.36 -7.60 -14.47
C VAL A 72 1.03 -7.57 -15.10
N ILE A 73 1.92 -6.73 -14.57
CA ILE A 73 3.30 -6.64 -15.03
C ILE A 73 4.21 -6.65 -13.79
N GLY A 74 5.18 -7.58 -13.76
CA GLY A 74 6.19 -7.62 -12.69
C GLY A 74 7.49 -6.97 -13.12
N ALA A 75 8.34 -6.57 -12.17
CA ALA A 75 9.59 -5.90 -12.54
C ALA A 75 10.63 -6.10 -11.45
N SER A 76 11.90 -6.21 -11.86
CA SER A 76 13.03 -6.08 -10.94
C SER A 76 14.18 -5.47 -11.71
N VAL A 77 15.24 -5.10 -10.96
CA VAL A 77 16.44 -4.50 -11.52
C VAL A 77 17.29 -5.52 -12.30
N ASP A 78 17.00 -6.83 -12.17
CA ASP A 78 17.78 -7.84 -12.87
C ASP A 78 17.56 -7.76 -14.38
N SER A 79 18.46 -8.42 -15.13
CA SER A 79 18.41 -8.43 -16.58
C SER A 79 17.28 -9.35 -17.04
N HIS A 80 16.75 -9.09 -18.24
CA HIS A 80 15.77 -9.93 -18.90
C HIS A 80 16.27 -11.38 -19.04
N PHE A 81 17.60 -11.56 -19.16
CA PHE A 81 18.22 -12.86 -19.22
C PHE A 81 18.05 -13.61 -17.91
N SER A 82 18.27 -12.92 -16.78
CA SER A 82 18.03 -13.48 -15.46
C SER A 82 16.55 -13.87 -15.31
N HIS A 83 15.64 -13.01 -15.77
CA HIS A 83 14.22 -13.30 -15.66
C HIS A 83 13.90 -14.62 -16.35
N LEU A 84 14.39 -14.77 -17.59
CA LEU A 84 14.08 -15.95 -18.39
C LEU A 84 14.70 -17.22 -17.79
N ALA A 85 15.90 -17.10 -17.24
CA ALA A 85 16.57 -18.23 -16.61
C ALA A 85 15.71 -18.74 -15.45
N TRP A 86 15.14 -17.80 -14.68
CA TRP A 86 14.31 -18.14 -13.56
C TRP A 86 13.01 -18.82 -14.01
N VAL A 87 12.40 -18.28 -15.07
CA VAL A 87 11.22 -18.84 -15.71
C VAL A 87 11.47 -20.27 -16.21
N ASN A 88 12.63 -20.50 -16.81
CA ASN A 88 13.02 -21.79 -17.36
C ASN A 88 13.54 -22.74 -16.28
N THR A 89 13.72 -22.29 -15.03
CA THR A 89 14.04 -23.19 -13.93
C THR A 89 12.76 -23.86 -13.44
N PRO A 90 12.69 -25.20 -13.38
CA PRO A 90 11.48 -25.88 -12.89
C PRO A 90 11.14 -25.45 -11.47
N LYS A 91 9.82 -25.37 -11.20
CA LYS A 91 9.34 -24.94 -9.90
C LYS A 91 9.87 -25.82 -8.76
N LYS A 92 10.03 -27.13 -9.00
CA LYS A 92 10.48 -28.06 -7.96
C LYS A 92 11.96 -27.80 -7.63
N GLN A 93 12.66 -27.03 -8.48
CA GLN A 93 14.05 -26.67 -8.26
C GLN A 93 14.15 -25.21 -7.83
N GLY A 94 13.05 -24.60 -7.40
CA GLY A 94 13.03 -23.21 -6.95
C GLY A 94 12.83 -22.18 -8.06
N GLY A 95 12.30 -22.59 -9.22
CA GLY A 95 12.10 -21.69 -10.33
C GLY A 95 10.69 -21.10 -10.36
N LEU A 96 10.44 -20.16 -11.29
CA LEU A 96 9.12 -19.57 -11.48
C LEU A 96 8.24 -20.52 -12.29
N GLY A 97 8.89 -21.22 -13.22
CA GLY A 97 8.16 -21.94 -14.23
C GLY A 97 7.58 -20.96 -15.25
N PRO A 98 6.82 -21.51 -16.22
CA PRO A 98 6.15 -20.69 -17.24
C PRO A 98 5.26 -19.61 -16.63
N MET A 99 5.31 -18.41 -17.26
CA MET A 99 4.62 -17.22 -16.76
C MET A 99 3.48 -16.80 -17.70
N ASN A 100 2.42 -16.27 -17.10
CA ASN A 100 1.26 -15.72 -17.77
C ASN A 100 1.34 -14.19 -17.75
N ILE A 101 2.44 -13.65 -17.19
CA ILE A 101 2.63 -12.23 -17.10
C ILE A 101 4.02 -11.88 -17.64
N PRO A 102 4.18 -10.67 -18.20
CA PRO A 102 5.51 -10.13 -18.52
C PRO A 102 6.30 -9.74 -17.26
N LEU A 103 7.62 -9.96 -17.31
CA LEU A 103 8.57 -9.51 -16.31
C LEU A 103 9.53 -8.51 -16.93
N VAL A 104 9.45 -7.29 -16.45
CA VAL A 104 10.24 -6.17 -16.92
C VAL A 104 11.61 -6.17 -16.24
N SER A 105 12.61 -5.75 -17.01
CA SER A 105 13.98 -5.52 -16.55
C SER A 105 14.22 -4.02 -16.37
N ASP A 106 14.69 -3.61 -15.16
CA ASP A 106 15.01 -2.20 -14.84
C ASP A 106 16.48 -2.02 -14.46
N PRO A 107 17.43 -2.34 -15.37
CA PRO A 107 18.85 -2.33 -15.03
C PRO A 107 19.47 -0.96 -14.74
N LYS A 108 18.90 0.14 -15.25
CA LYS A 108 19.39 1.46 -14.89
C LYS A 108 18.82 1.95 -13.56
N ARG A 109 17.82 1.22 -12.99
CA ARG A 109 17.18 1.56 -11.73
C ARG A 109 16.28 2.80 -11.87
N THR A 110 16.02 3.24 -13.10
CA THR A 110 15.27 4.48 -13.34
C THR A 110 13.76 4.28 -13.13
N ILE A 111 13.25 3.08 -13.38
CA ILE A 111 11.82 2.85 -13.18
C ILE A 111 11.54 2.80 -11.69
N ALA A 112 12.39 2.06 -10.96
CA ALA A 112 12.29 1.99 -9.50
C ALA A 112 12.34 3.39 -8.89
N GLN A 113 13.26 4.21 -9.39
CA GLN A 113 13.41 5.56 -8.90
C GLN A 113 12.18 6.40 -9.21
N ASP A 114 11.66 6.31 -10.44
CA ASP A 114 10.45 7.01 -10.82
C ASP A 114 9.27 6.63 -9.93
N TYR A 115 9.22 5.37 -9.45
CA TYR A 115 8.10 4.88 -8.68
C TYR A 115 8.34 5.06 -7.19
N GLY A 116 9.51 5.60 -6.84
CA GLY A 116 9.82 5.91 -5.44
C GLY A 116 10.09 4.66 -4.60
N VAL A 117 10.57 3.58 -5.23
CA VAL A 117 10.75 2.30 -4.53
C VAL A 117 12.19 1.83 -4.66
N LEU A 118 13.13 2.70 -5.04
CA LEU A 118 14.53 2.31 -5.07
C LEU A 118 15.08 2.31 -3.64
N LYS A 119 15.63 1.17 -3.21
CA LYS A 119 16.49 1.13 -2.04
C LYS A 119 17.89 1.58 -2.47
N ALA A 120 18.17 2.88 -2.28
CA ALA A 120 19.37 3.51 -2.81
C ALA A 120 20.66 2.86 -2.28
N ASP A 121 20.66 2.37 -1.02
CA ASP A 121 21.86 1.81 -0.42
C ASP A 121 22.15 0.42 -1.00
N GLU A 122 21.28 -0.11 -1.86
CA GLU A 122 21.44 -1.49 -2.29
C GLU A 122 21.29 -1.65 -3.81
N GLY A 123 20.61 -0.71 -4.47
CA GLY A 123 20.36 -0.78 -5.90
C GLY A 123 19.27 -1.78 -6.29
N ILE A 124 18.39 -2.14 -5.34
CA ILE A 124 17.23 -2.97 -5.64
C ILE A 124 15.96 -2.21 -5.26
N SER A 125 14.84 -2.64 -5.84
CA SER A 125 13.52 -2.11 -5.53
C SER A 125 12.98 -2.78 -4.29
N PHE A 126 12.30 -1.97 -3.46
CA PHE A 126 11.37 -2.48 -2.47
C PHE A 126 10.20 -3.18 -3.18
N ARG A 127 9.35 -3.85 -2.39
CA ARG A 127 8.22 -4.57 -2.91
C ARG A 127 7.05 -3.61 -3.10
N GLY A 128 7.14 -2.84 -4.16
CA GLY A 128 6.15 -1.87 -4.55
C GLY A 128 5.13 -2.54 -5.45
N LEU A 129 3.89 -2.08 -5.31
CA LEU A 129 2.81 -2.44 -6.21
C LEU A 129 1.95 -1.21 -6.47
N PHE A 130 1.58 -1.03 -7.74
CA PHE A 130 0.89 0.16 -8.19
C PHE A 130 -0.30 -0.24 -9.05
N ILE A 131 -1.43 0.46 -8.84
CA ILE A 131 -2.64 0.24 -9.63
C ILE A 131 -2.89 1.51 -10.43
N ILE A 132 -2.85 1.34 -11.75
CA ILE A 132 -3.03 2.39 -12.74
C ILE A 132 -4.33 2.11 -13.50
N ASP A 133 -5.15 3.14 -13.68
CA ASP A 133 -6.43 2.94 -14.34
C ASP A 133 -6.23 2.94 -15.85
N ASP A 134 -7.34 2.77 -16.57
CA ASP A 134 -7.36 2.61 -18.02
C ASP A 134 -6.98 3.92 -18.73
N LYS A 135 -7.00 5.06 -18.02
CA LYS A 135 -6.60 6.34 -18.56
C LYS A 135 -5.13 6.66 -18.22
N GLY A 136 -4.45 5.77 -17.48
CA GLY A 136 -3.05 5.95 -17.13
C GLY A 136 -2.85 6.69 -15.81
N ILE A 137 -3.93 6.91 -15.03
CA ILE A 137 -3.87 7.66 -13.79
C ILE A 137 -3.61 6.68 -12.64
N LEU A 138 -2.69 7.07 -11.76
CA LEU A 138 -2.32 6.22 -10.64
C LEU A 138 -3.40 6.29 -9.57
N ARG A 139 -3.87 5.10 -9.15
CA ARG A 139 -4.95 5.01 -8.19
C ARG A 139 -4.47 4.48 -6.84
N GLN A 140 -3.41 3.69 -6.79
CA GLN A 140 -3.05 3.02 -5.54
C GLN A 140 -1.54 2.82 -5.50
N ILE A 141 -0.97 3.10 -4.32
CA ILE A 141 0.43 2.85 -3.99
C ILE A 141 0.50 1.86 -2.82
N THR A 142 1.27 0.78 -3.00
CA THR A 142 1.60 -0.18 -1.96
C THR A 142 3.12 -0.36 -1.95
N VAL A 143 3.77 -0.23 -0.76
CA VAL A 143 5.21 -0.46 -0.68
C VAL A 143 5.53 -1.21 0.61
N ASN A 144 6.00 -2.44 0.44
CA ASN A 144 6.42 -3.26 1.55
C ASN A 144 7.94 -3.25 1.61
N ASP A 145 8.45 -3.23 2.84
CA ASP A 145 9.83 -3.60 3.10
C ASP A 145 10.07 -4.98 2.49
N LEU A 146 11.35 -5.28 2.22
CA LEU A 146 11.77 -6.45 1.44
C LEU A 146 11.17 -7.78 1.87
N PRO A 147 11.05 -8.09 3.18
CA PRO A 147 10.70 -9.46 3.60
C PRO A 147 9.23 -9.85 3.47
N VAL A 148 8.33 -8.90 3.15
CA VAL A 148 6.90 -9.19 3.17
C VAL A 148 6.25 -9.01 1.78
N GLY A 149 5.59 -10.09 1.36
CA GLY A 149 4.98 -10.15 0.05
C GLY A 149 3.57 -9.59 0.00
N ARG A 150 3.01 -9.66 -1.20
CA ARG A 150 1.75 -9.03 -1.56
C ARG A 150 0.69 -10.12 -1.68
N SER A 151 -0.57 -9.74 -1.45
CA SER A 151 -1.70 -10.64 -1.59
C SER A 151 -2.41 -10.42 -2.93
N VAL A 152 -2.62 -11.51 -3.67
CA VAL A 152 -3.39 -11.46 -4.90
C VAL A 152 -4.85 -11.08 -4.61
N ASP A 153 -5.46 -11.63 -3.55
CA ASP A 153 -6.83 -11.33 -3.18
C ASP A 153 -7.00 -9.83 -2.90
N GLU A 154 -6.05 -9.24 -2.14
CA GLU A 154 -6.12 -7.83 -1.87
C GLU A 154 -6.03 -7.01 -3.16
N THR A 155 -5.18 -7.46 -4.09
CA THR A 155 -4.93 -6.70 -5.31
C THR A 155 -6.19 -6.72 -6.17
N LEU A 156 -6.82 -7.90 -6.28
CA LEU A 156 -8.09 -8.08 -6.99
C LEU A 156 -9.20 -7.22 -6.37
N ARG A 157 -9.28 -7.19 -5.04
CA ARG A 157 -10.25 -6.35 -4.38
C ARG A 157 -10.06 -4.90 -4.84
N LEU A 158 -8.82 -4.39 -4.75
CA LEU A 158 -8.55 -3.00 -5.10
C LEU A 158 -8.91 -2.70 -6.55
N VAL A 159 -8.55 -3.59 -7.47
CA VAL A 159 -8.75 -3.30 -8.88
C VAL A 159 -10.24 -3.22 -9.13
N GLN A 160 -10.98 -4.25 -8.70
CA GLN A 160 -12.41 -4.28 -8.96
C GLN A 160 -13.07 -3.07 -8.28
N ALA A 161 -12.64 -2.74 -7.04
CA ALA A 161 -13.29 -1.67 -6.29
C ALA A 161 -13.09 -0.33 -7.01
N PHE A 162 -11.89 -0.10 -7.55
CA PHE A 162 -11.63 1.13 -8.29
C PHE A 162 -12.50 1.15 -9.55
N GLN A 163 -12.61 0.02 -10.26
CA GLN A 163 -13.43 -0.05 -11.45
C GLN A 163 -14.90 0.21 -11.11
N PHE A 164 -15.40 -0.37 -10.02
CA PHE A 164 -16.80 -0.17 -9.64
C PHE A 164 -17.09 1.30 -9.29
N THR A 165 -16.18 1.94 -8.54
CA THR A 165 -16.37 3.33 -8.10
C THR A 165 -16.13 4.28 -9.27
N ASP A 166 -15.35 3.89 -10.28
CA ASP A 166 -15.28 4.65 -11.52
C ASP A 166 -16.64 4.70 -12.20
N LYS A 167 -17.37 3.59 -12.20
CA LYS A 167 -18.65 3.53 -12.92
C LYS A 167 -19.76 4.25 -12.15
N HIS A 168 -19.73 4.26 -10.81
CA HIS A 168 -20.80 4.87 -10.01
C HIS A 168 -20.28 5.32 -8.64
N GLY A 169 -20.25 6.66 -8.43
CA GLY A 169 -20.39 7.27 -7.11
C GLY A 169 -21.83 7.15 -6.61
N GLY B 3 6.61 13.46 0.65
CA GLY B 3 6.81 13.74 2.10
C GLY B 3 8.17 13.22 2.60
N ASN B 4 8.23 12.77 3.86
CA ASN B 4 9.48 12.26 4.46
C ASN B 4 9.36 10.79 4.87
N ALA B 5 8.27 10.11 4.51
CA ALA B 5 8.05 8.72 4.86
C ALA B 5 8.88 7.84 3.93
N LYS B 6 9.90 7.14 4.47
CA LYS B 6 10.75 6.24 3.69
C LYS B 6 10.84 4.89 4.38
N ILE B 7 10.63 3.81 3.62
CA ILE B 7 10.75 2.45 4.14
C ILE B 7 12.18 2.27 4.65
N GLY B 8 12.26 1.75 5.88
CA GLY B 8 13.53 1.39 6.51
C GLY B 8 14.18 2.57 7.24
N HIS B 9 13.51 3.71 7.23
CA HIS B 9 13.94 4.89 7.94
C HIS B 9 12.92 5.19 9.04
N PRO B 10 13.32 5.93 10.11
CA PRO B 10 12.40 6.33 11.17
C PRO B 10 11.15 6.98 10.58
N ALA B 11 9.99 6.55 11.06
CA ALA B 11 8.75 7.17 10.59
C ALA B 11 8.70 8.61 11.08
N PRO B 12 8.21 9.58 10.27
CA PRO B 12 8.09 10.98 10.72
C PRO B 12 7.27 11.10 12.01
N ASN B 13 7.88 11.74 13.01
CA ASN B 13 7.19 11.91 14.28
C ASN B 13 6.12 12.99 14.09
N PHE B 14 5.11 12.94 14.96
CA PHE B 14 4.11 14.00 15.02
C PHE B 14 3.70 14.17 16.48
N LYS B 15 3.27 15.40 16.81
CA LYS B 15 2.57 15.63 18.04
C LYS B 15 1.23 16.30 17.72
N ALA B 16 0.13 15.74 18.26
CA ALA B 16 -1.19 16.18 17.84
C ALA B 16 -2.22 15.90 18.92
N THR B 17 -3.28 16.70 18.90
CA THR B 17 -4.43 16.45 19.75
C THR B 17 -5.25 15.31 19.14
N ALA B 18 -5.54 14.32 19.98
CA ALA B 18 -6.30 13.16 19.59
C ALA B 18 -7.52 13.05 20.49
N VAL B 19 -8.59 12.44 19.97
CA VAL B 19 -9.68 11.98 20.80
C VAL B 19 -9.36 10.54 21.17
N MET B 20 -9.14 10.31 22.48
CA MET B 20 -8.69 9.04 22.99
C MET B 20 -9.90 8.13 23.18
N PRO B 21 -9.70 6.80 23.30
CA PRO B 21 -10.83 5.87 23.50
C PRO B 21 -11.79 6.18 24.66
N ASP B 22 -11.30 6.83 25.73
CA ASP B 22 -12.13 7.22 26.86
C ASP B 22 -12.98 8.45 26.54
N GLY B 23 -12.79 9.06 25.36
CA GLY B 23 -13.62 10.19 24.93
C GLY B 23 -13.07 11.56 25.32
N GLN B 24 -11.82 11.60 25.79
CA GLN B 24 -11.16 12.83 26.17
C GLN B 24 -10.10 13.19 25.13
N PHE B 25 -9.77 14.49 25.07
CA PHE B 25 -8.64 14.97 24.31
C PHE B 25 -7.35 14.69 25.04
N LYS B 26 -6.30 14.43 24.25
CA LYS B 26 -4.96 14.30 24.76
C LYS B 26 -3.99 14.57 23.63
N ASP B 27 -2.89 15.24 23.95
CA ASP B 27 -1.82 15.48 23.00
C ASP B 27 -0.91 14.26 23.02
N ILE B 28 -0.74 13.60 21.88
CA ILE B 28 0.02 12.38 21.79
C ILE B 28 1.07 12.52 20.68
N SER B 29 2.16 11.76 20.81
CA SER B 29 3.17 11.68 19.77
C SER B 29 3.30 10.23 19.30
N LEU B 30 3.73 10.04 18.06
CA LEU B 30 3.93 8.70 17.54
C LEU B 30 5.04 7.98 18.33
N SER B 31 6.07 8.74 18.74
CA SER B 31 7.15 8.23 19.60
C SER B 31 6.66 7.72 20.94
N ASP B 32 5.45 8.13 21.40
CA ASP B 32 4.92 7.56 22.64
C ASP B 32 4.69 6.06 22.50
N TYR B 33 4.56 5.54 21.25
CA TYR B 33 4.16 4.17 21.06
C TYR B 33 5.37 3.25 20.77
N LYS B 34 6.59 3.76 20.91
CA LYS B 34 7.78 2.93 20.79
C LYS B 34 7.66 1.74 21.72
N GLY B 35 8.05 0.56 21.24
CA GLY B 35 7.88 -0.70 21.96
C GLY B 35 6.72 -1.50 21.40
N LYS B 36 5.89 -0.85 20.57
CA LYS B 36 4.77 -1.50 19.89
C LYS B 36 4.80 -1.19 18.40
N TYR B 37 4.33 -2.15 17.60
CA TYR B 37 3.91 -1.90 16.24
C TYR B 37 2.80 -0.85 16.26
N VAL B 38 2.84 0.09 15.29
CA VAL B 38 1.76 1.04 15.08
C VAL B 38 1.24 0.90 13.65
N VAL B 39 -0.09 0.79 13.53
CA VAL B 39 -0.82 1.03 12.30
C VAL B 39 -1.41 2.43 12.38
N PHE B 40 -0.88 3.31 11.53
CA PHE B 40 -1.30 4.69 11.48
C PHE B 40 -1.96 4.94 10.14
N PHE B 41 -3.22 5.33 10.17
CA PHE B 41 -3.99 5.48 8.94
C PHE B 41 -4.70 6.83 8.91
N PHE B 42 -4.79 7.37 7.70
CA PHE B 42 -5.50 8.59 7.40
C PHE B 42 -6.80 8.24 6.71
N TYR B 43 -7.81 9.07 6.97
CA TYR B 43 -9.06 9.06 6.21
C TYR B 43 -9.38 10.52 5.87
N PRO B 44 -10.11 10.78 4.75
CA PRO B 44 -10.25 12.15 4.25
C PRO B 44 -10.94 13.17 5.17
N LEU B 45 -12.18 12.88 5.58
CA LEU B 45 -13.03 13.80 6.33
C LEU B 45 -13.87 13.05 7.36
N ASP B 46 -14.09 13.68 8.52
CA ASP B 46 -15.12 13.27 9.46
C ASP B 46 -16.50 13.40 8.79
N PHE B 47 -17.44 12.53 9.20
CA PHE B 47 -18.83 12.55 8.77
C PHE B 47 -18.96 12.26 7.27
N THR B 48 -18.00 11.49 6.72
CA THR B 48 -17.99 11.16 5.30
C THR B 48 -18.99 10.04 5.06
N PHE B 49 -19.61 10.06 3.87
CA PHE B 49 -20.47 8.98 3.41
C PHE B 49 -19.63 7.92 2.70
N VAL B 50 -18.34 8.21 2.43
CA VAL B 50 -17.45 7.33 1.68
C VAL B 50 -16.58 6.51 2.64
N CYS B 51 -16.93 5.22 2.78
CA CYS B 51 -16.24 4.22 3.57
C CYS B 51 -15.90 4.66 4.99
N PRO B 52 -16.84 5.27 5.76
CA PRO B 52 -16.61 5.53 7.19
C PRO B 52 -16.48 4.26 8.03
N THR B 53 -17.08 3.15 7.56
CA THR B 53 -17.15 1.92 8.31
C THR B 53 -15.76 1.28 8.48
N GLU B 54 -14.76 1.65 7.65
CA GLU B 54 -13.41 1.15 7.82
C GLU B 54 -12.86 1.56 9.19
N ILE B 55 -13.21 2.75 9.66
CA ILE B 55 -12.75 3.22 10.96
C ILE B 55 -13.36 2.36 12.07
N ILE B 56 -14.68 2.13 11.94
CA ILE B 56 -15.44 1.30 12.88
C ILE B 56 -14.87 -0.13 12.88
N ALA B 57 -14.53 -0.66 11.70
CA ALA B 57 -13.98 -2.00 11.60
C ALA B 57 -12.61 -2.11 12.28
N PHE B 58 -11.71 -1.13 12.10
CA PHE B 58 -10.45 -1.14 12.82
C PHE B 58 -10.68 -1.14 14.33
N SER B 59 -11.62 -0.30 14.78
CA SER B 59 -11.98 -0.16 16.17
C SER B 59 -12.58 -1.46 16.70
N ASP B 60 -13.56 -2.02 15.98
CA ASP B 60 -14.25 -3.23 16.45
C ASP B 60 -13.26 -4.39 16.61
N ARG B 61 -12.21 -4.41 15.76
CA ARG B 61 -11.29 -5.52 15.73
C ARG B 61 -9.98 -5.17 16.44
N ALA B 62 -10.02 -4.20 17.36
CA ALA B 62 -8.83 -3.76 18.10
C ALA B 62 -8.18 -4.91 18.86
N GLU B 63 -8.99 -5.83 19.39
CA GLU B 63 -8.52 -6.99 20.12
C GLU B 63 -7.48 -7.78 19.29
N GLU B 64 -7.74 -7.95 17.97
CA GLU B 64 -6.82 -8.69 17.10
C GLU B 64 -5.49 -7.96 16.96
N PHE B 65 -5.49 -6.62 16.95
CA PHE B 65 -4.25 -5.84 16.96
C PHE B 65 -3.55 -5.90 18.32
N LYS B 66 -4.30 -5.95 19.43
CA LYS B 66 -3.75 -6.07 20.77
C LYS B 66 -2.95 -7.36 20.93
N LYS B 67 -3.53 -8.47 20.47
CA LYS B 67 -2.87 -9.78 20.48
C LYS B 67 -1.55 -9.72 19.70
N LEU B 68 -1.40 -8.78 18.75
CA LEU B 68 -0.14 -8.60 18.03
C LEU B 68 0.70 -7.49 18.66
N ASN B 69 0.38 -7.08 19.91
CA ASN B 69 1.10 -5.99 20.57
C ASN B 69 1.22 -4.78 19.63
N SER B 70 0.12 -4.44 18.94
CA SER B 70 0.13 -3.33 17.99
C SER B 70 -0.95 -2.32 18.38
N GLN B 71 -0.68 -1.04 18.06
CA GLN B 71 -1.56 0.09 18.33
C GLN B 71 -2.07 0.64 17.00
N VAL B 72 -3.38 0.92 16.94
CA VAL B 72 -4.02 1.49 15.77
C VAL B 72 -4.35 2.96 16.08
N ILE B 73 -4.00 3.86 15.16
CA ILE B 73 -4.29 5.28 15.31
C ILE B 73 -4.87 5.77 13.98
N GLY B 74 -6.06 6.40 14.02
CA GLY B 74 -6.66 7.04 12.85
C GLY B 74 -6.32 8.55 12.83
N ALA B 75 -6.36 9.19 11.66
CA ALA B 75 -6.11 10.62 11.60
C ALA B 75 -6.85 11.23 10.41
N SER B 76 -7.36 12.45 10.58
CA SER B 76 -7.78 13.28 9.46
C SER B 76 -7.41 14.73 9.74
N VAL B 77 -7.61 15.59 8.74
CA VAL B 77 -7.37 17.03 8.86
C VAL B 77 -8.43 17.73 9.72
N ASP B 78 -9.57 17.07 10.02
CA ASP B 78 -10.60 17.68 10.87
C ASP B 78 -10.10 17.94 12.28
N SER B 79 -10.83 18.86 12.95
CA SER B 79 -10.50 19.27 14.30
C SER B 79 -10.85 18.15 15.28
N HIS B 80 -10.17 18.19 16.43
CA HIS B 80 -10.45 17.30 17.54
C HIS B 80 -11.91 17.37 17.98
N PHE B 81 -12.54 18.54 17.85
CA PHE B 81 -13.94 18.73 18.20
C PHE B 81 -14.85 18.02 17.21
N SER B 82 -14.47 18.03 15.92
CA SER B 82 -15.20 17.25 14.93
C SER B 82 -15.10 15.75 15.26
N HIS B 83 -13.90 15.28 15.64
CA HIS B 83 -13.70 13.88 15.97
C HIS B 83 -14.64 13.49 17.10
N LEU B 84 -14.68 14.34 18.14
CA LEU B 84 -15.49 14.09 19.35
C LEU B 84 -16.99 14.01 19.00
N ALA B 85 -17.44 14.91 18.14
CA ALA B 85 -18.83 14.96 17.71
C ALA B 85 -19.20 13.65 17.02
N TRP B 86 -18.29 13.17 16.18
CA TRP B 86 -18.53 11.98 15.39
C TRP B 86 -18.61 10.73 16.29
N VAL B 87 -17.69 10.65 17.25
CA VAL B 87 -17.66 9.57 18.22
C VAL B 87 -18.90 9.60 19.13
N ASN B 88 -19.37 10.80 19.47
CA ASN B 88 -20.54 10.96 20.33
C ASN B 88 -21.83 10.77 19.54
N THR B 89 -21.77 10.68 18.21
CA THR B 89 -22.95 10.31 17.43
C THR B 89 -23.10 8.79 17.39
N PRO B 90 -24.23 8.19 17.83
CA PRO B 90 -24.38 6.74 17.75
C PRO B 90 -24.29 6.25 16.31
N LYS B 91 -23.75 5.03 16.13
CA LYS B 91 -23.72 4.36 14.85
C LYS B 91 -25.10 4.23 14.21
N LYS B 92 -26.17 4.07 15.01
CA LYS B 92 -27.54 4.01 14.54
C LYS B 92 -27.93 5.29 13.81
N GLN B 93 -27.29 6.40 14.18
CA GLN B 93 -27.56 7.70 13.58
C GLN B 93 -26.47 8.08 12.59
N GLY B 94 -25.56 7.17 12.23
CA GLY B 94 -24.54 7.48 11.23
C GLY B 94 -23.22 8.00 11.80
N GLY B 95 -23.02 7.88 13.12
CA GLY B 95 -21.77 8.22 13.76
C GLY B 95 -20.81 7.02 13.86
N LEU B 96 -19.65 7.25 14.51
CA LEU B 96 -18.69 6.20 14.78
C LEU B 96 -19.12 5.41 16.01
N GLY B 97 -19.77 6.11 16.95
CA GLY B 97 -19.95 5.61 18.29
C GLY B 97 -18.61 5.56 19.01
N PRO B 98 -18.59 4.94 20.21
CA PRO B 98 -17.36 4.80 20.99
C PRO B 98 -16.29 4.04 20.23
N MET B 99 -15.04 4.50 20.36
CA MET B 99 -13.90 3.95 19.65
C MET B 99 -12.91 3.29 20.60
N ASN B 100 -12.22 2.25 20.08
CA ASN B 100 -11.16 1.55 20.78
C ASN B 100 -9.80 2.08 20.33
N ILE B 101 -9.82 3.11 19.47
CA ILE B 101 -8.60 3.66 18.93
C ILE B 101 -8.64 5.18 19.07
N PRO B 102 -7.46 5.82 19.23
CA PRO B 102 -7.35 7.27 19.17
C PRO B 102 -7.55 7.78 17.74
N LEU B 103 -8.18 8.97 17.63
CA LEU B 103 -8.31 9.69 16.37
C LEU B 103 -7.54 10.99 16.48
N VAL B 104 -6.49 11.11 15.68
CA VAL B 104 -5.62 12.28 15.65
C VAL B 104 -6.24 13.36 14.75
N SER B 105 -6.01 14.61 15.16
CA SER B 105 -6.40 15.79 14.40
C SER B 105 -5.14 16.40 13.78
N ASP B 106 -5.19 16.65 12.45
CA ASP B 106 -4.08 17.26 11.70
C ASP B 106 -4.57 18.55 11.01
N PRO B 107 -5.00 19.57 11.80
CA PRO B 107 -5.53 20.82 11.26
C PRO B 107 -4.55 21.69 10.46
N LYS B 108 -3.24 21.58 10.72
CA LYS B 108 -2.26 22.31 9.90
C LYS B 108 -1.92 21.57 8.60
N ARG B 109 -2.39 20.30 8.44
CA ARG B 109 -2.13 19.48 7.25
C ARG B 109 -0.66 19.02 7.19
N THR B 110 0.10 19.23 8.26
CA THR B 110 1.54 18.97 8.25
C THR B 110 1.86 17.49 8.48
N ILE B 111 1.00 16.77 9.18
CA ILE B 111 1.24 15.33 9.34
C ILE B 111 0.98 14.62 8.01
N ALA B 112 -0.14 14.97 7.36
CA ALA B 112 -0.45 14.47 6.03
C ALA B 112 0.70 14.78 5.05
N GLN B 113 1.25 15.99 5.13
CA GLN B 113 2.34 16.39 4.25
C GLN B 113 3.59 15.56 4.54
N ASP B 114 3.92 15.39 5.82
CA ASP B 114 5.07 14.57 6.21
C ASP B 114 4.91 13.12 5.76
N TYR B 115 3.67 12.62 5.68
CA TYR B 115 3.44 11.23 5.30
C TYR B 115 3.24 11.10 3.80
N GLY B 116 3.26 12.22 3.08
CA GLY B 116 3.17 12.23 1.63
C GLY B 116 1.77 11.87 1.12
N VAL B 117 0.71 12.21 1.90
CA VAL B 117 -0.65 11.83 1.56
C VAL B 117 -1.59 13.05 1.51
N LEU B 118 -1.06 14.28 1.46
CA LEU B 118 -1.91 15.44 1.28
C LEU B 118 -2.39 15.54 -0.17
N LYS B 119 -3.71 15.62 -0.36
CA LYS B 119 -4.30 16.05 -1.63
C LYS B 119 -4.32 17.59 -1.62
N ALA B 120 -3.28 18.21 -2.19
CA ALA B 120 -3.01 19.63 -1.96
C ALA B 120 -4.15 20.52 -2.47
N ASP B 121 -4.79 20.14 -3.58
CA ASP B 121 -5.84 20.92 -4.23
C ASP B 121 -7.14 20.88 -3.39
N GLU B 122 -7.17 20.10 -2.30
CA GLU B 122 -8.36 20.05 -1.48
C GLU B 122 -8.08 20.22 0.01
N GLY B 123 -6.79 20.16 0.42
CA GLY B 123 -6.41 20.23 1.83
C GLY B 123 -6.94 19.08 2.69
N ILE B 124 -7.16 17.90 2.09
CA ILE B 124 -7.53 16.68 2.80
C ILE B 124 -6.50 15.60 2.48
N SER B 125 -6.45 14.56 3.32
CA SER B 125 -5.54 13.44 3.11
C SER B 125 -6.20 12.41 2.21
N PHE B 126 -5.39 11.78 1.36
CA PHE B 126 -5.75 10.52 0.73
C PHE B 126 -5.92 9.45 1.82
N ARG B 127 -6.33 8.25 1.41
CA ARG B 127 -6.49 7.14 2.35
C ARG B 127 -5.15 6.42 2.48
N GLY B 128 -4.26 7.04 3.27
CA GLY B 128 -2.97 6.49 3.59
C GLY B 128 -3.06 5.56 4.79
N LEU B 129 -2.23 4.52 4.78
CA LEU B 129 -2.02 3.67 5.94
C LEU B 129 -0.54 3.28 6.00
N PHE B 130 0.01 3.31 7.21
CA PHE B 130 1.44 3.11 7.44
C PHE B 130 1.65 2.13 8.58
N ILE B 131 2.60 1.19 8.39
CA ILE B 131 2.97 0.26 9.44
C ILE B 131 4.38 0.60 9.89
N ILE B 132 4.47 0.97 11.18
CA ILE B 132 5.69 1.32 11.87
C ILE B 132 6.01 0.23 12.89
N ASP B 133 7.28 -0.20 12.95
CA ASP B 133 7.63 -1.26 13.90
C ASP B 133 7.86 -0.65 15.29
N ASP B 134 8.19 -1.53 16.25
CA ASP B 134 8.35 -1.20 17.67
C ASP B 134 9.55 -0.29 17.91
N LYS B 135 10.46 -0.17 16.93
CA LYS B 135 11.61 0.72 17.04
C LYS B 135 11.38 2.04 16.33
N GLY B 136 10.18 2.22 15.75
CA GLY B 136 9.79 3.46 15.10
C GLY B 136 10.19 3.51 13.63
N ILE B 137 10.57 2.36 13.04
CA ILE B 137 11.01 2.32 11.65
C ILE B 137 9.80 1.99 10.77
N LEU B 138 9.67 2.74 9.67
CA LEU B 138 8.56 2.56 8.76
C LEU B 138 8.79 1.31 7.93
N ARG B 139 7.79 0.42 7.89
CA ARG B 139 7.88 -0.85 7.21
C ARG B 139 6.94 -0.92 5.99
N GLN B 140 5.83 -0.19 5.98
CA GLN B 140 4.83 -0.39 4.94
C GLN B 140 4.14 0.95 4.64
N ILE B 141 3.94 1.24 3.35
CA ILE B 141 3.18 2.38 2.85
C ILE B 141 2.00 1.84 2.01
N THR B 142 0.78 2.29 2.34
CA THR B 142 -0.42 2.05 1.55
C THR B 142 -1.08 3.43 1.29
N VAL B 143 -1.41 3.75 0.04
CA VAL B 143 -2.15 4.96 -0.27
C VAL B 143 -3.19 4.63 -1.32
N ASN B 144 -4.46 4.78 -0.94
CA ASN B 144 -5.56 4.65 -1.87
C ASN B 144 -6.09 6.04 -2.22
N ASP B 145 -6.45 6.20 -3.49
CA ASP B 145 -7.32 7.28 -3.91
C ASP B 145 -8.60 7.21 -3.08
N LEU B 146 -9.30 8.35 -3.00
CA LEU B 146 -10.37 8.61 -2.04
C LEU B 146 -11.49 7.56 -2.03
N PRO B 147 -11.95 7.02 -3.18
CA PRO B 147 -13.15 6.17 -3.18
C PRO B 147 -13.02 4.74 -2.64
N VAL B 148 -11.78 4.24 -2.41
CA VAL B 148 -11.64 2.84 -2.02
C VAL B 148 -10.95 2.74 -0.64
N GLY B 149 -11.62 2.01 0.25
CA GLY B 149 -11.16 1.84 1.61
C GLY B 149 -10.14 0.70 1.79
N ARG B 150 -9.76 0.49 3.05
CA ARG B 150 -8.73 -0.43 3.46
C ARG B 150 -9.37 -1.70 4.04
N SER B 151 -8.64 -2.81 3.96
CA SER B 151 -9.05 -4.08 4.56
C SER B 151 -8.32 -4.30 5.89
N VAL B 152 -9.12 -4.59 6.93
CA VAL B 152 -8.54 -4.92 8.23
C VAL B 152 -7.76 -6.24 8.13
N ASP B 153 -8.32 -7.26 7.43
CA ASP B 153 -7.62 -8.52 7.22
C ASP B 153 -6.24 -8.34 6.59
N GLU B 154 -6.14 -7.47 5.56
CA GLU B 154 -4.86 -7.26 4.90
C GLU B 154 -3.89 -6.61 5.87
N THR B 155 -4.40 -5.69 6.71
CA THR B 155 -3.53 -4.93 7.60
C THR B 155 -2.96 -5.87 8.67
N LEU B 156 -3.82 -6.76 9.20
CA LEU B 156 -3.40 -7.80 10.16
C LEU B 156 -2.41 -8.76 9.53
N ARG B 157 -2.65 -9.20 8.29
CA ARG B 157 -1.66 -10.04 7.62
C ARG B 157 -0.28 -9.37 7.57
N LEU B 158 -0.25 -8.07 7.20
CA LEU B 158 1.01 -7.33 7.08
C LEU B 158 1.70 -7.25 8.43
N VAL B 159 0.96 -6.90 9.48
CA VAL B 159 1.55 -6.73 10.80
C VAL B 159 2.17 -8.06 11.23
N GLN B 160 1.41 -9.15 11.10
CA GLN B 160 1.91 -10.47 11.49
C GLN B 160 3.18 -10.80 10.71
N ALA B 161 3.13 -10.61 9.38
CA ALA B 161 4.26 -10.97 8.53
C ALA B 161 5.51 -10.19 8.92
N PHE B 162 5.35 -8.89 9.25
CA PHE B 162 6.51 -8.10 9.64
C PHE B 162 7.06 -8.61 10.98
N GLN B 163 6.17 -8.92 11.91
CA GLN B 163 6.59 -9.44 13.20
C GLN B 163 7.27 -10.81 13.08
N PHE B 164 6.72 -11.69 12.23
CA PHE B 164 7.29 -13.00 11.98
C PHE B 164 8.71 -12.90 11.40
N THR B 165 8.91 -12.01 10.41
CA THR B 165 10.20 -11.84 9.76
C THR B 165 11.18 -11.12 10.69
N ASP B 166 10.68 -10.29 11.61
CA ASP B 166 11.53 -9.74 12.67
C ASP B 166 12.09 -10.85 13.57
N LYS B 167 11.37 -11.96 13.77
CA LYS B 167 11.85 -13.03 14.65
C LYS B 167 13.08 -13.74 14.10
N HIS B 168 13.46 -13.50 12.85
CA HIS B 168 14.59 -14.16 12.24
C HIS B 168 15.92 -13.51 12.65
#